data_4YT9
#
_entry.id   4YT9
#
_cell.length_a   58.560
_cell.length_b   60.300
_cell.length_c   113.680
_cell.angle_alpha   90.00
_cell.angle_beta   90.00
_cell.angle_gamma   90.00
#
_symmetry.space_group_name_H-M   'P 21 21 21'
#
loop_
_entity.id
_entity.type
_entity.pdbx_description
1 polymer 'Peptidylarginine deiminase'
2 non-polymer 'SODIUM ION'
3 non-polymer GLYCEROL
4 water water
#
_entity_poly.entity_id   1
_entity_poly.type   'polypeptide(L)'
_entity_poly.pdbx_seq_one_letter_code
;AFQETNPPAGPVRAIAEYERSAAVLVRYPFGIPMELIKELAKNDKVITIVASESQKNTVITQYTQSGVNLSNCDFIIAKT
DSYWTRDYTGWFAMYDTNKVGLVDFIYNRPRPNDDEFPKYEAQYLGIEMFGMKLKQTGGNYMTDGYGSAVQSHIAYTENS
SLSQAQVNQKMKDYLGITHHDVVQDPNGEYINHVD(4GJ)WGKYLAPNKILIRKVPDNHPQHQALEDMAAYFAAQTCAWG
TKYEVYRALATNEQPYTNSLILNNRVFVPVNGPASVDNDALNVYKTAMPGYEIIGVKGASGTPWLGTDALH(4GJ)RTHE
VADKGYLYIKHYPILGEQAGPDYKIEADVVSCANATISPVQCYYRINGSGSFKAADMTMESTGHYTYSFTGLNKNDKVEY
YISAADNSGRKETYPFIGEPDPFKFT(4GJ)MNETNTCTVTGAA
;
_entity_poly.pdbx_strand_id   A
#
loop_
_chem_comp.id
_chem_comp.type
_chem_comp.name
_chem_comp.formula
GOL non-polymer GLYCEROL 'C3 H8 O3'
NA non-polymer 'SODIUM ION' 'Na 1'
#
# COMPACT_ATOMS: atom_id res chain seq x y z
N ALA A 1 6.08 -0.11 27.28
CA ALA A 1 5.48 1.13 26.77
C ALA A 1 6.04 1.46 25.42
N PHE A 2 5.51 2.51 24.78
CA PHE A 2 6.06 3.01 23.53
C PHE A 2 7.43 3.49 23.88
N GLN A 3 8.40 3.11 23.09
CA GLN A 3 9.76 3.49 23.34
C GLN A 3 10.24 4.33 22.18
N GLU A 4 10.50 5.61 22.43
CA GLU A 4 11.05 6.47 21.41
C GLU A 4 12.48 6.06 21.08
N THR A 5 12.81 6.03 19.80
CA THR A 5 14.16 5.72 19.39
C THR A 5 14.66 6.84 18.53
N ASN A 6 15.97 6.82 18.23
CA ASN A 6 16.46 7.72 17.22
C ASN A 6 15.84 7.29 15.86
N PRO A 7 15.70 8.22 14.91
CA PRO A 7 15.16 7.82 13.61
C PRO A 7 16.17 6.94 12.84
N PRO A 8 15.63 6.19 11.87
CA PRO A 8 16.50 5.32 11.05
C PRO A 8 17.54 6.09 10.25
N ALA A 9 18.74 5.47 10.04
CA ALA A 9 19.75 6.08 9.20
C ALA A 9 19.18 6.27 7.81
N GLY A 10 19.34 7.47 7.29
CA GLY A 10 18.79 7.83 6.00
C GLY A 10 19.54 7.32 4.78
N PRO A 11 18.98 7.54 3.59
CA PRO A 11 17.64 8.11 3.35
C PRO A 11 16.56 7.11 3.77
N VAL A 12 15.35 7.61 4.04
CA VAL A 12 14.22 6.77 4.45
C VAL A 12 13.12 6.88 3.38
N ARG A 13 12.39 5.77 3.17
CA ARG A 13 11.27 5.77 2.23
C ARG A 13 10.17 4.86 2.71
N ALA A 14 9.02 5.41 3.00
CA ALA A 14 7.90 4.60 3.44
C ALA A 14 7.39 3.74 2.27
N ILE A 15 7.05 2.48 2.56
CA ILE A 15 6.61 1.51 1.55
C ILE A 15 5.09 1.58 1.36
N ALA A 16 4.63 1.73 0.11
CA ALA A 16 3.22 1.81 -0.20
C ALA A 16 2.54 0.43 -0.14
N GLU A 17 1.22 0.43 0.03
CA GLU A 17 0.45 -0.83 0.17
C GLU A 17 0.47 -1.64 -1.12
N TYR A 18 0.66 -1.00 -2.27
CA TYR A 18 0.67 -1.66 -3.58
C TYR A 18 2.08 -2.10 -4.02
N GLU A 19 3.05 -2.06 -3.09
CA GLU A 19 4.35 -2.64 -3.33
C GLU A 19 4.30 -4.11 -2.88
N ARG A 20 5.33 -4.89 -3.23
CA ARG A 20 5.39 -6.29 -2.81
C ARG A 20 5.10 -6.47 -1.32
N SER A 21 4.21 -7.44 -1.00
CA SER A 21 3.90 -7.84 0.36
C SER A 21 4.31 -9.28 0.54
N ALA A 22 5.05 -9.58 1.59
CA ALA A 22 5.45 -10.95 1.90
C ALA A 22 4.38 -11.70 2.70
N ALA A 23 3.44 -10.96 3.32
CA ALA A 23 2.39 -11.56 4.12
C ALA A 23 1.28 -10.55 4.38
N VAL A 24 0.25 -11.01 5.09
CA VAL A 24 -0.83 -10.17 5.58
C VAL A 24 -1.06 -10.56 7.03
N LEU A 25 -1.29 -9.58 7.90
CA LEU A 25 -1.43 -9.77 9.35
C LEU A 25 -2.88 -9.58 9.78
N VAL A 26 -3.43 -10.63 10.42
CA VAL A 26 -4.79 -10.66 10.95
C VAL A 26 -4.72 -11.11 12.40
N ARG A 27 -5.83 -10.99 13.11
CA ARG A 27 -5.81 -11.32 14.53
C ARG A 27 -7.00 -12.22 14.92
N TYR A 28 -6.76 -13.10 15.88
CA TYR A 28 -7.80 -13.92 16.49
C TYR A 28 -8.02 -13.48 17.97
N PRO A 29 -9.26 -13.41 18.54
CA PRO A 29 -10.59 -13.63 17.93
C PRO A 29 -10.77 -12.75 16.68
N PHE A 30 -11.34 -13.35 15.64
CA PHE A 30 -11.48 -12.78 14.31
C PHE A 30 -12.52 -11.69 14.17
N GLY A 31 -12.24 -10.80 13.23
CA GLY A 31 -13.15 -9.75 12.83
C GLY A 31 -13.38 -9.83 11.33
N ILE A 32 -12.87 -10.90 10.71
CA ILE A 32 -13.02 -11.08 9.27
C ILE A 32 -13.60 -12.47 8.98
N PRO A 33 -14.25 -12.68 7.81
CA PRO A 33 -14.81 -14.00 7.52
C PRO A 33 -13.75 -15.02 7.15
N MET A 34 -13.97 -16.26 7.55
CA MET A 34 -13.06 -17.34 7.23
C MET A 34 -12.82 -17.44 5.73
N GLU A 35 -13.84 -17.17 4.92
CA GLU A 35 -13.73 -17.20 3.44
C GLU A 35 -12.63 -16.24 3.00
N LEU A 36 -12.51 -15.07 3.65
CA LEU A 36 -11.44 -14.14 3.30
C LEU A 36 -10.07 -14.74 3.68
N ILE A 37 -9.94 -15.32 4.89
CA ILE A 37 -8.65 -15.93 5.28
C ILE A 37 -8.25 -17.05 4.32
N LYS A 38 -9.23 -17.86 3.89
CA LYS A 38 -8.96 -18.91 2.93
C LYS A 38 -8.48 -18.32 1.60
N GLU A 39 -9.13 -17.25 1.13
CA GLU A 39 -8.71 -16.62 -0.12
C GLU A 39 -7.31 -16.01 0.00
N LEU A 40 -7.04 -15.31 1.12
CA LEU A 40 -5.72 -14.73 1.32
C LEU A 40 -4.65 -15.81 1.28
N ALA A 41 -4.83 -16.90 2.04
CA ALA A 41 -3.83 -17.96 2.19
C ALA A 41 -3.65 -18.82 0.95
N LYS A 42 -4.54 -18.68 -0.06
CA LYS A 42 -4.35 -19.43 -1.31
C LYS A 42 -3.03 -19.02 -1.96
N ASN A 43 -2.70 -17.72 -1.93
CA ASN A 43 -1.53 -17.16 -2.60
C ASN A 43 -0.52 -16.50 -1.69
N ASP A 44 -0.94 -16.06 -0.51
CA ASP A 44 -0.07 -15.30 0.36
C ASP A 44 0.07 -15.89 1.73
N LYS A 45 1.18 -15.55 2.39
CA LYS A 45 1.37 -15.92 3.78
C LYS A 45 0.39 -15.10 4.63
N VAL A 46 -0.33 -15.77 5.54
CA VAL A 46 -1.23 -15.14 6.49
C VAL A 46 -0.62 -15.34 7.86
N ILE A 47 -0.33 -14.23 8.56
CA ILE A 47 0.20 -14.29 9.91
C ILE A 47 -0.96 -13.99 10.81
N THR A 48 -1.29 -14.92 11.71
CA THR A 48 -2.38 -14.71 12.65
C THR A 48 -1.84 -14.46 14.03
N ILE A 49 -2.29 -13.38 14.65
CA ILE A 49 -1.89 -13.06 16.02
C ILE A 49 -2.84 -13.79 16.93
N VAL A 50 -2.30 -14.51 17.89
CA VAL A 50 -3.01 -15.28 18.92
C VAL A 50 -2.37 -14.96 20.27
N ALA A 51 -3.12 -15.12 21.37
CA ALA A 51 -2.59 -14.75 22.68
C ALA A 51 -1.82 -15.88 23.40
N SER A 52 -1.93 -17.13 22.90
CA SER A 52 -1.33 -18.30 23.56
C SER A 52 -1.19 -19.47 22.60
N GLU A 53 -0.50 -20.54 23.04
CA GLU A 53 -0.37 -21.79 22.29
C GLU A 53 -1.77 -22.41 22.16
N SER A 54 -2.62 -22.24 23.19
CA SER A 54 -4.01 -22.72 23.24
C SER A 54 -4.82 -22.11 22.07
N GLN A 55 -4.80 -20.77 21.93
CA GLN A 55 -5.51 -20.09 20.85
C GLN A 55 -4.92 -20.47 19.48
N LYS A 56 -3.59 -20.65 19.40
CA LYS A 56 -2.93 -21.07 18.16
C LYS A 56 -3.52 -22.44 17.71
N ASN A 57 -3.68 -23.37 18.67
CA ASN A 57 -4.24 -24.69 18.33
C ASN A 57 -5.72 -24.57 17.92
N THR A 58 -6.50 -23.69 18.58
CA THR A 58 -7.91 -23.45 18.23
C THR A 58 -7.99 -22.94 16.80
N VAL A 59 -7.13 -21.96 16.43
CA VAL A 59 -7.11 -21.38 15.10
C VAL A 59 -6.71 -22.44 14.05
N ILE A 60 -5.67 -23.25 14.35
CA ILE A 60 -5.24 -24.30 13.42
C ILE A 60 -6.42 -25.26 13.16
N THR A 61 -7.20 -25.63 14.20
CA THR A 61 -8.37 -26.49 13.98
C THR A 61 -9.38 -25.80 13.05
N GLN A 62 -9.68 -24.49 13.29
CA GLN A 62 -10.66 -23.77 12.49
C GLN A 62 -10.20 -23.63 11.04
N TYR A 63 -8.90 -23.34 10.85
CA TYR A 63 -8.33 -23.22 9.50
C TYR A 63 -8.37 -24.55 8.77
N THR A 64 -8.07 -25.65 9.47
CA THR A 64 -8.09 -26.99 8.87
C THR A 64 -9.51 -27.31 8.39
N GLN A 65 -10.51 -27.09 9.28
CA GLN A 65 -11.92 -27.39 9.01
C GLN A 65 -12.45 -26.56 7.84
N SER A 66 -11.95 -25.31 7.68
CA SER A 66 -12.38 -24.39 6.64
C SER A 66 -11.62 -24.56 5.30
N GLY A 67 -10.60 -25.43 5.29
CA GLY A 67 -9.84 -25.69 4.07
C GLY A 67 -8.83 -24.62 3.73
N VAL A 68 -8.36 -23.87 4.73
CA VAL A 68 -7.32 -22.85 4.58
C VAL A 68 -6.01 -23.58 4.24
N ASN A 69 -5.18 -22.97 3.41
CA ASN A 69 -3.88 -23.52 3.00
C ASN A 69 -2.95 -23.35 4.19
N LEU A 70 -2.83 -24.41 5.02
CA LEU A 70 -2.03 -24.33 6.23
C LEU A 70 -0.53 -24.12 5.97
N SER A 71 -0.04 -24.44 4.75
CA SER A 71 1.36 -24.21 4.40
C SER A 71 1.66 -22.70 4.28
N ASN A 72 0.61 -21.84 4.22
CA ASN A 72 0.77 -20.38 4.18
C ASN A 72 0.30 -19.73 5.47
N CYS A 73 0.19 -20.47 6.56
CA CYS A 73 -0.27 -19.93 7.84
C CYS A 73 0.85 -19.92 8.84
N ASP A 74 1.13 -18.74 9.40
CA ASP A 74 2.14 -18.54 10.44
C ASP A 74 1.45 -17.85 11.62
N PHE A 75 2.10 -17.84 12.78
CA PHE A 75 1.54 -17.25 13.98
C PHE A 75 2.51 -16.39 14.73
N ILE A 76 1.97 -15.37 15.40
CA ILE A 76 2.68 -14.56 16.38
C ILE A 76 1.93 -14.70 17.70
N ILE A 77 2.62 -15.09 18.80
CA ILE A 77 1.97 -15.20 20.08
C ILE A 77 2.23 -13.92 20.83
N ALA A 78 1.16 -13.12 21.01
CA ALA A 78 1.23 -11.84 21.69
C ALA A 78 -0.16 -11.45 22.11
N LYS A 79 -0.30 -10.73 23.24
CA LYS A 79 -1.61 -10.22 23.67
C LYS A 79 -2.02 -9.07 22.76
N THR A 80 -3.29 -9.01 22.41
CA THR A 80 -3.86 -7.91 21.64
C THR A 80 -5.22 -7.61 22.19
N ASP A 81 -5.65 -6.35 22.06
CA ASP A 81 -6.96 -5.97 22.55
C ASP A 81 -8.01 -6.01 21.46
N SER A 82 -7.61 -5.92 20.18
CA SER A 82 -8.58 -5.85 19.11
C SER A 82 -8.11 -6.52 17.83
N TYR A 83 -9.01 -6.67 16.87
CA TYR A 83 -8.66 -7.22 15.58
C TYR A 83 -8.38 -6.14 14.51
N TRP A 84 -8.25 -4.86 14.92
CA TRP A 84 -7.97 -3.80 13.94
C TRP A 84 -6.47 -3.71 13.68
N THR A 85 -5.90 -4.76 13.06
CA THR A 85 -4.45 -4.83 12.79
C THR A 85 -4.01 -3.69 11.90
N ARG A 86 -4.90 -3.10 11.13
CA ARG A 86 -4.51 -1.94 10.32
C ARG A 86 -4.00 -0.82 11.18
N ASP A 87 -4.63 -0.67 12.36
CA ASP A 87 -4.56 0.52 13.12
C ASP A 87 -3.40 0.59 14.11
N TYR A 88 -2.97 -0.55 14.68
CA TYR A 88 -1.96 -0.52 15.72
C TYR A 88 -0.65 -1.25 15.35
N THR A 89 -0.63 -1.98 14.23
CA THR A 89 0.61 -2.68 13.88
C THR A 89 1.60 -1.67 13.26
N GLY A 90 2.86 -2.07 13.14
CA GLY A 90 3.91 -1.18 12.70
C GLY A 90 3.84 -0.77 11.24
N TRP A 91 4.48 0.39 10.93
CA TRP A 91 4.50 0.86 9.53
C TRP A 91 5.83 0.51 8.90
N PHE A 92 5.84 0.17 7.63
CA PHE A 92 7.06 -0.27 6.97
C PHE A 92 7.75 0.83 6.21
N ALA A 93 9.10 0.84 6.34
CA ALA A 93 9.91 1.80 5.61
C ALA A 93 11.23 1.23 5.27
N MET A 94 11.76 1.60 4.11
CA MET A 94 13.14 1.25 3.75
C MET A 94 14.03 2.34 4.32
N TYR A 95 15.24 1.97 4.71
CA TYR A 95 16.19 2.92 5.26
C TYR A 95 17.60 2.41 4.99
N ASP A 96 18.60 3.26 5.26
CA ASP A 96 20.03 2.92 5.17
C ASP A 96 20.35 2.19 3.84
N THR A 97 19.87 2.75 2.72
CA THR A 97 19.95 2.27 1.33
C THR A 97 19.18 0.95 1.08
N ASN A 98 19.45 -0.14 1.84
CA ASN A 98 18.77 -1.41 1.52
C ASN A 98 18.33 -2.24 2.75
N LYS A 99 17.75 -1.59 3.72
CA LYS A 99 17.19 -2.29 4.87
C LYS A 99 15.70 -1.98 4.95
N VAL A 100 14.91 -2.93 5.42
CA VAL A 100 13.48 -2.75 5.68
C VAL A 100 13.32 -2.70 7.20
N GLY A 101 12.62 -1.67 7.66
CA GLY A 101 12.38 -1.49 9.08
C GLY A 101 10.92 -1.31 9.41
N LEU A 102 10.61 -1.38 10.70
CA LEU A 102 9.27 -1.17 11.22
C LEU A 102 9.27 0.11 12.03
N VAL A 103 8.19 0.90 11.92
CA VAL A 103 8.05 2.13 12.67
C VAL A 103 6.88 1.98 13.64
N ASP A 104 7.19 2.06 14.93
CA ASP A 104 6.18 2.06 15.97
C ASP A 104 5.81 3.51 16.27
N PHE A 105 4.68 3.71 16.95
CA PHE A 105 4.14 5.04 17.27
C PHE A 105 3.24 4.88 18.49
N ILE A 106 2.74 6.00 19.05
CA ILE A 106 1.81 5.93 20.17
C ILE A 106 0.42 5.67 19.62
N TYR A 107 -0.13 4.49 19.85
CA TYR A 107 -1.44 4.18 19.31
C TYR A 107 -2.49 5.17 19.89
N ASN A 108 -3.40 5.67 19.03
CA ASN A 108 -4.29 6.74 19.47
C ASN A 108 -5.51 6.31 20.26
N ARG A 109 -5.58 5.06 20.66
CA ARG A 109 -6.71 4.53 21.42
C ARG A 109 -6.21 3.88 22.70
N PRO A 110 -7.00 3.88 23.79
CA PRO A 110 -6.51 3.30 25.07
C PRO A 110 -6.53 1.76 25.15
N ARG A 111 -5.79 1.10 24.26
CA ARG A 111 -5.64 -0.36 24.12
C ARG A 111 -4.14 -0.66 24.23
N PRO A 112 -3.64 -0.93 25.46
CA PRO A 112 -2.18 -1.05 25.65
C PRO A 112 -1.54 -2.26 24.98
N ASN A 113 -2.25 -3.38 24.82
CA ASN A 113 -1.65 -4.55 24.18
C ASN A 113 -1.56 -4.30 22.67
N ASP A 114 -2.57 -3.60 22.11
CA ASP A 114 -2.52 -3.21 20.70
C ASP A 114 -1.31 -2.29 20.48
N ASP A 115 -1.15 -1.28 21.37
CA ASP A 115 -0.06 -0.31 21.29
C ASP A 115 1.33 -0.98 21.38
N GLU A 116 1.48 -2.01 22.24
CA GLU A 116 2.75 -2.70 22.43
C GLU A 116 3.09 -3.67 21.28
N PHE A 117 2.09 -4.11 20.52
CA PHE A 117 2.24 -5.19 19.55
C PHE A 117 3.40 -5.01 18.54
N PRO A 118 3.69 -3.82 17.97
CA PRO A 118 4.77 -3.74 16.96
C PRO A 118 6.10 -4.37 17.37
N LYS A 119 6.48 -4.34 18.69
CA LYS A 119 7.71 -4.98 19.15
C LYS A 119 7.74 -6.47 18.74
N TYR A 120 6.59 -7.15 18.92
CA TYR A 120 6.48 -8.59 18.60
C TYR A 120 6.51 -8.81 17.12
N GLU A 121 5.97 -7.85 16.35
CA GLU A 121 5.98 -7.94 14.91
C GLU A 121 7.41 -7.81 14.38
N ALA A 122 8.18 -6.82 14.87
CA ALA A 122 9.57 -6.65 14.45
C ALA A 122 10.40 -7.90 14.83
N GLN A 123 10.19 -8.45 16.06
CA GLN A 123 10.90 -9.65 16.50
CA GLN A 123 10.90 -9.64 16.51
C GLN A 123 10.59 -10.83 15.58
N TYR A 124 9.30 -11.03 15.26
CA TYR A 124 8.89 -12.12 14.36
C TYR A 124 9.57 -11.98 12.99
N LEU A 125 9.53 -10.76 12.40
CA LEU A 125 10.11 -10.56 11.07
C LEU A 125 11.63 -10.48 11.05
N GLY A 126 12.24 -10.29 12.21
CA GLY A 126 13.69 -10.12 12.30
C GLY A 126 14.16 -8.85 11.65
N ILE A 127 13.46 -7.72 11.92
CA ILE A 127 13.84 -6.43 11.41
C ILE A 127 13.94 -5.45 12.56
N GLU A 128 14.63 -4.33 12.32
CA GLU A 128 14.78 -3.29 13.31
C GLU A 128 13.51 -2.47 13.43
N MET A 129 13.21 -2.04 14.66
CA MET A 129 12.06 -1.20 14.94
C MET A 129 12.52 0.16 15.43
N PHE A 130 11.83 1.19 14.97
CA PHE A 130 12.07 2.59 15.31
C PHE A 130 10.84 3.16 15.98
N GLY A 131 11.01 4.05 16.93
CA GLY A 131 9.89 4.59 17.68
C GLY A 131 9.66 6.06 17.38
N MET A 132 8.63 6.37 16.57
CA MET A 132 8.29 7.74 16.17
C MET A 132 7.31 8.30 17.18
N LYS A 133 7.72 9.32 17.97
CA LYS A 133 6.87 9.85 19.02
C LYS A 133 5.75 10.75 18.49
N LEU A 134 4.77 10.11 17.86
CA LEU A 134 3.53 10.72 17.43
C LEU A 134 2.39 9.84 17.79
N LYS A 135 1.27 10.47 18.17
CA LYS A 135 0.01 9.75 18.39
CA LYS A 135 0.00 9.77 18.40
C LYS A 135 -0.55 9.47 17.00
N GLN A 136 -0.62 8.19 16.61
CA GLN A 136 -1.04 7.83 15.26
C GLN A 136 -1.97 6.64 15.21
N THR A 137 -2.50 6.39 14.01
CA THR A 137 -3.45 5.34 13.72
C THR A 137 -3.17 4.89 12.30
N GLY A 138 -2.95 3.60 12.07
CA GLY A 138 -2.72 3.11 10.71
C GLY A 138 -3.87 3.29 9.72
N GLY A 139 -5.10 3.23 10.23
CA GLY A 139 -6.26 3.48 9.39
C GLY A 139 -6.26 4.88 8.81
N ASN A 140 -5.60 5.80 9.52
CA ASN A 140 -5.50 7.19 9.08
C ASN A 140 -4.19 7.51 8.35
N TYR A 141 -3.54 6.52 7.75
CA TYR A 141 -2.28 6.74 7.09
C TYR A 141 -2.24 6.00 5.78
N MET A 142 -1.74 6.69 4.74
CA MET A 142 -1.38 6.03 3.50
C MET A 142 -0.25 6.77 2.86
N THR A 143 0.65 6.05 2.16
CA THR A 143 1.76 6.69 1.44
C THR A 143 1.75 6.26 -0.01
N ASP A 144 2.26 7.15 -0.87
CA ASP A 144 2.35 6.79 -2.28
C ASP A 144 3.62 6.01 -2.60
N GLY A 145 4.56 5.92 -1.65
CA GLY A 145 5.83 5.23 -1.85
C GLY A 145 6.91 6.15 -2.42
N TYR A 146 6.56 7.42 -2.68
CA TYR A 146 7.46 8.42 -3.22
C TYR A 146 7.57 9.63 -2.31
N GLY A 147 7.33 9.43 -1.04
CA GLY A 147 7.51 10.52 -0.08
C GLY A 147 6.28 11.30 0.27
N SER A 148 5.10 10.99 -0.32
CA SER A 148 3.88 11.67 0.07
C SER A 148 3.04 10.79 0.97
N ALA A 149 2.36 11.38 1.94
CA ALA A 149 1.43 10.64 2.77
C ALA A 149 0.19 11.48 2.94
N VAL A 150 -0.98 10.84 3.03
CA VAL A 150 -2.22 11.55 3.28
C VAL A 150 -2.77 11.06 4.60
N GLN A 151 -3.21 12.01 5.44
CA GLN A 151 -3.89 11.71 6.70
C GLN A 151 -5.00 12.71 6.91
N SER A 152 -6.02 12.29 7.64
CA SER A 152 -7.04 13.22 8.06
C SER A 152 -6.46 14.17 9.12
N HIS A 153 -7.21 15.24 9.41
CA HIS A 153 -6.81 16.30 10.30
C HIS A 153 -6.48 15.83 11.74
N ILE A 154 -6.94 14.62 12.11
CA ILE A 154 -6.66 14.00 13.42
C ILE A 154 -5.15 13.89 13.66
N ALA A 155 -4.36 13.76 12.56
CA ALA A 155 -2.90 13.66 12.75
C ALA A 155 -2.30 14.93 13.43
N TYR A 156 -2.93 16.10 13.19
CA TYR A 156 -2.49 17.28 13.93
C TYR A 156 -3.23 17.44 15.23
N THR A 157 -4.57 17.23 15.27
CA THR A 157 -5.32 17.56 16.50
C THR A 157 -4.95 16.61 17.66
N GLU A 158 -4.55 15.36 17.35
CA GLU A 158 -4.14 14.41 18.39
C GLU A 158 -2.64 14.55 18.73
N ASN A 159 -1.94 15.52 18.10
CA ASN A 159 -0.54 15.82 18.40
C ASN A 159 -0.44 17.31 18.61
N SER A 160 -1.45 17.87 19.30
CA SER A 160 -1.60 19.31 19.45
C SER A 160 -0.51 19.99 20.28
N SER A 161 0.33 19.23 21.04
CA SER A 161 1.42 19.90 21.77
C SER A 161 2.60 20.17 20.84
N LEU A 162 2.56 19.63 19.61
CA LEU A 162 3.58 19.88 18.61
C LEU A 162 3.04 20.83 17.56
N SER A 163 3.94 21.60 16.95
CA SER A 163 3.51 22.43 15.83
C SER A 163 3.33 21.52 14.61
N GLN A 164 2.62 22.00 13.58
CA GLN A 164 2.50 21.18 12.37
C GLN A 164 3.88 20.87 11.83
N ALA A 165 4.83 21.85 11.88
CA ALA A 165 6.17 21.62 11.35
C ALA A 165 6.87 20.51 12.13
N GLN A 166 6.70 20.45 13.45
CA GLN A 166 7.33 19.39 14.24
C GLN A 166 6.73 18.01 13.87
N VAL A 167 5.41 17.99 13.64
CA VAL A 167 4.76 16.73 13.26
C VAL A 167 5.28 16.29 11.88
N ASN A 168 5.33 17.23 10.91
CA ASN A 168 5.85 16.93 9.57
C ASN A 168 7.30 16.45 9.65
N GLN A 169 8.12 17.05 10.54
CA GLN A 169 9.52 16.63 10.63
C GLN A 169 9.64 15.20 11.13
N LYS A 170 8.77 14.80 12.10
CA LYS A 170 8.83 13.39 12.58
C LYS A 170 8.48 12.46 11.41
N MET A 171 7.47 12.82 10.60
CA MET A 171 7.14 11.98 9.45
C MET A 171 8.29 11.93 8.45
N LYS A 172 9.02 13.05 8.30
CA LYS A 172 10.17 13.05 7.42
C LYS A 172 11.30 12.16 7.99
N ASP A 173 11.61 12.29 9.28
CA ASP A 173 12.74 11.58 9.86
C ASP A 173 12.52 10.08 9.98
N TYR A 174 11.29 9.66 10.30
CA TYR A 174 11.07 8.23 10.52
C TYR A 174 10.55 7.52 9.30
N LEU A 175 9.88 8.25 8.38
CA LEU A 175 9.22 7.59 7.24
C LEU A 175 9.63 8.19 5.87
N GLY A 176 10.49 9.20 5.88
CA GLY A 176 10.94 9.78 4.61
C GLY A 176 9.89 10.62 3.93
N ILE A 177 8.82 11.00 4.65
CA ILE A 177 7.72 11.77 4.05
C ILE A 177 8.17 13.23 3.85
N THR A 178 8.22 13.65 2.59
CA THR A 178 8.55 15.04 2.18
C THR A 178 7.30 15.85 1.88
N HIS A 179 6.13 15.19 1.73
CA HIS A 179 4.88 15.92 1.69
C HIS A 179 3.89 15.21 2.61
N HIS A 180 3.80 15.69 3.85
CA HIS A 180 2.85 15.12 4.82
C HIS A 180 1.53 15.87 4.62
N ASP A 181 0.63 15.30 3.80
CA ASP A 181 -0.59 15.97 3.45
C ASP A 181 -1.68 15.64 4.46
N VAL A 182 -1.72 16.45 5.52
CA VAL A 182 -2.76 16.34 6.54
C VAL A 182 -3.88 17.24 6.08
N VAL A 183 -4.95 16.65 5.62
CA VAL A 183 -6.02 17.44 5.01
C VAL A 183 -7.02 17.89 6.02
N GLN A 184 -7.60 19.07 5.76
CA GLN A 184 -8.55 19.65 6.65
C GLN A 184 -9.80 18.80 6.71
N ASP A 185 -10.40 18.80 7.87
CA ASP A 185 -11.68 18.13 8.07
C ASP A 185 -12.69 19.24 8.38
N PRO A 186 -13.56 19.61 7.42
CA PRO A 186 -14.52 20.69 7.69
C PRO A 186 -15.51 20.34 8.80
N ASN A 187 -15.71 19.03 9.06
CA ASN A 187 -16.68 18.61 10.08
C ASN A 187 -16.03 18.32 11.45
N GLY A 188 -14.70 18.37 11.52
CA GLY A 188 -13.96 18.15 12.76
C GLY A 188 -14.41 16.92 13.52
N GLU A 189 -14.45 15.77 12.82
CA GLU A 189 -14.90 14.54 13.44
C GLU A 189 -13.93 14.08 14.53
N TYR A 190 -14.47 13.45 15.59
CA TYR A 190 -13.73 12.88 16.71
C TYR A 190 -12.88 11.71 16.21
N ILE A 191 -13.43 10.96 15.23
CA ILE A 191 -12.76 9.85 14.57
C ILE A 191 -12.82 10.10 13.09
N ASN A 192 -11.70 10.02 12.40
CA ASN A 192 -11.69 10.24 10.96
C ASN A 192 -10.46 9.55 10.41
N HIS A 193 -10.68 8.40 9.80
CA HIS A 193 -9.60 7.64 9.20
C HIS A 193 -9.62 7.86 7.71
N VAL A 194 -8.49 8.22 7.12
CA VAL A 194 -8.44 8.42 5.66
C VAL A 194 -8.95 7.20 4.91
N ASP A 195 -8.77 5.96 5.43
CA ASP A 195 -9.20 4.79 4.65
C ASP A 195 -10.73 4.64 4.54
N5 4GJ A 196 -15.00 11.91 6.95
C1 4GJ A 196 -15.24 9.59 7.38
C2 4GJ A 196 -15.63 9.43 6.05
C3 4GJ A 196 -15.72 10.51 5.17
C4 4GJ A 196 -15.37 11.76 5.65
C6 4GJ A 196 -14.92 10.88 7.81
S2 4GJ A 196 -16.04 7.86 5.48
N 4GJ A 196 -11.48 5.54 5.18
CA 4GJ A 196 -12.93 5.59 5.11
C 4GJ A 196 -13.35 6.35 3.85
O 4GJ A 196 -14.49 6.20 3.40
CB 4GJ A 196 -13.49 6.24 6.37
SG 4GJ A 196 -15.29 6.23 6.49
N CSO A 196 -11.48 5.54 5.18
CA CSO A 196 -12.92 5.51 5.02
CB CSO A 196 -13.60 5.93 6.31
SG CSO A 196 -13.36 4.75 7.64
C CSO A 196 -13.35 6.35 3.85
O CSO A 196 -14.49 6.20 3.40
OD CSO A 196 -12.61 3.43 7.88
N TRP A 197 -12.45 7.22 3.32
CA TRP A 197 -12.83 8.04 2.18
C TRP A 197 -11.79 8.14 1.06
N GLY A 198 -10.54 7.73 1.32
CA GLY A 198 -9.51 7.88 0.29
C GLY A 198 -8.50 6.75 0.26
N LYS A 199 -7.98 6.45 -0.95
CA LYS A 199 -7.00 5.40 -1.08
C LYS A 199 -6.13 5.59 -2.30
N TYR A 200 -4.80 5.65 -2.11
CA TYR A 200 -3.95 5.61 -3.30
C TYR A 200 -4.04 4.21 -3.88
N LEU A 201 -4.31 4.13 -5.19
CA LEU A 201 -4.35 2.82 -5.86
C LEU A 201 -3.05 2.54 -6.60
N ALA A 202 -2.29 3.60 -6.87
CA ALA A 202 -1.01 3.62 -7.54
C ALA A 202 -0.38 4.98 -7.27
N PRO A 203 0.88 5.23 -7.64
CA PRO A 203 1.46 6.55 -7.37
C PRO A 203 0.70 7.69 -8.05
N ASN A 204 -0.01 7.37 -9.17
CA ASN A 204 -0.72 8.37 -9.94
C ASN A 204 -2.24 8.23 -9.88
N LYS A 205 -2.75 7.42 -8.93
CA LYS A 205 -4.18 7.14 -8.89
C LYS A 205 -4.70 7.23 -7.49
N ILE A 206 -5.83 7.94 -7.30
CA ILE A 206 -6.40 7.98 -5.97
C ILE A 206 -7.91 7.78 -6.05
N LEU A 207 -8.44 6.93 -5.16
CA LEU A 207 -9.87 6.67 -5.06
C LEU A 207 -10.44 7.53 -3.97
N ILE A 208 -11.46 8.34 -4.31
CA ILE A 208 -12.12 9.19 -3.33
C ILE A 208 -13.61 8.83 -3.26
N ARG A 209 -14.10 8.56 -2.04
CA ARG A 209 -15.51 8.24 -1.85
C ARG A 209 -16.40 9.33 -2.47
N LYS A 210 -17.57 8.91 -2.95
CA LYS A 210 -18.59 9.80 -3.46
C LYS A 210 -19.89 9.42 -2.76
N VAL A 211 -20.70 10.45 -2.44
CA VAL A 211 -21.98 10.17 -1.78
C VAL A 211 -23.08 10.87 -2.58
N PRO A 212 -24.36 10.56 -2.31
CA PRO A 212 -25.43 11.27 -3.02
C PRO A 212 -25.40 12.78 -2.76
N ASP A 213 -25.95 13.55 -3.71
CA ASP A 213 -25.94 15.03 -3.65
C ASP A 213 -26.47 15.60 -2.32
N ASN A 214 -27.48 14.96 -1.72
CA ASN A 214 -28.08 15.47 -0.50
C ASN A 214 -27.37 14.98 0.77
N HIS A 215 -26.32 14.14 0.66
CA HIS A 215 -25.61 13.66 1.84
C HIS A 215 -24.76 14.80 2.41
N PRO A 216 -24.64 14.93 3.75
CA PRO A 216 -23.92 16.08 4.34
C PRO A 216 -22.42 16.14 4.00
N GLN A 217 -21.83 15.03 3.53
CA GLN A 217 -20.40 14.99 3.16
C GLN A 217 -20.20 15.20 1.66
N HIS A 218 -21.28 15.46 0.90
CA HIS A 218 -21.20 15.58 -0.56
C HIS A 218 -20.19 16.62 -1.01
N GLN A 219 -20.34 17.89 -0.59
CA GLN A 219 -19.41 18.92 -1.06
C GLN A 219 -17.98 18.70 -0.55
N ALA A 220 -17.78 18.25 0.70
CA ALA A 220 -16.43 18.04 1.23
C ALA A 220 -15.67 17.00 0.41
N LEU A 221 -16.38 15.93 -0.02
CA LEU A 221 -15.74 14.89 -0.81
C LEU A 221 -15.55 15.37 -2.26
N GLU A 222 -16.50 16.14 -2.83
CA GLU A 222 -16.27 16.68 -4.16
C GLU A 222 -15.05 17.61 -4.15
N ASP A 223 -14.90 18.41 -3.07
CA ASP A 223 -13.75 19.32 -2.97
C ASP A 223 -12.45 18.52 -2.87
N MET A 224 -12.45 17.44 -2.11
CA MET A 224 -11.28 16.61 -1.97
C MET A 224 -10.89 15.98 -3.31
N ALA A 225 -11.90 15.45 -4.06
CA ALA A 225 -11.62 14.88 -5.37
C ALA A 225 -11.03 15.94 -6.33
N ALA A 226 -11.61 17.18 -6.34
CA ALA A 226 -11.10 18.24 -7.21
C ALA A 226 -9.68 18.65 -6.84
N TYR A 227 -9.39 18.69 -5.54
CA TYR A 227 -8.06 19.01 -5.00
C TYR A 227 -7.02 18.03 -5.55
N PHE A 228 -7.31 16.72 -5.49
CA PHE A 228 -6.34 15.77 -6.02
C PHE A 228 -6.27 15.78 -7.56
N ALA A 229 -7.43 15.96 -8.25
CA ALA A 229 -7.38 15.96 -9.70
C ALA A 229 -6.63 17.16 -10.26
N ALA A 230 -6.55 18.26 -9.49
CA ALA A 230 -5.89 19.45 -10.02
C ALA A 230 -4.40 19.50 -9.74
N GLN A 231 -3.85 18.55 -8.99
CA GLN A 231 -2.46 18.64 -8.60
C GLN A 231 -1.62 17.55 -9.22
N THR A 232 -0.31 17.79 -9.29
CA THR A 232 0.65 16.85 -9.86
C THR A 232 0.96 15.76 -8.88
N CYS A 233 1.06 14.51 -9.36
CA CYS A 233 1.46 13.36 -8.57
C CYS A 233 2.97 13.09 -8.69
N ALA A 234 3.44 12.03 -8.01
CA ALA A 234 4.87 11.73 -8.01
C ALA A 234 5.49 11.55 -9.39
N TRP A 235 4.70 11.08 -10.36
CA TRP A 235 5.16 10.78 -11.71
C TRP A 235 5.10 12.00 -12.65
N GLY A 236 4.64 13.15 -12.17
CA GLY A 236 4.67 14.35 -13.00
C GLY A 236 3.40 14.64 -13.76
N THR A 237 2.47 13.71 -13.74
CA THR A 237 1.13 13.85 -14.35
C THR A 237 0.15 14.27 -13.27
N LYS A 238 -1.07 14.68 -13.64
CA LYS A 238 -2.07 14.94 -12.60
C LYS A 238 -2.54 13.60 -12.05
N TYR A 239 -3.01 13.58 -10.80
CA TYR A 239 -3.61 12.34 -10.32
C TYR A 239 -4.81 11.97 -11.15
N GLU A 240 -4.97 10.67 -11.37
CA GLU A 240 -6.20 10.11 -11.90
C GLU A 240 -7.09 9.90 -10.69
N VAL A 241 -8.23 10.57 -10.65
CA VAL A 241 -9.12 10.43 -9.49
C VAL A 241 -10.31 9.57 -9.87
N TYR A 242 -10.46 8.47 -9.11
CA TYR A 242 -11.57 7.53 -9.30
C TYR A 242 -12.54 7.75 -8.16
N ARG A 243 -13.83 7.45 -8.39
CA ARG A 243 -14.85 7.66 -7.38
C ARG A 243 -15.63 6.40 -7.15
N ALA A 244 -15.81 6.04 -5.87
CA ALA A 244 -16.66 4.89 -5.51
C ALA A 244 -17.89 5.46 -4.85
N LEU A 245 -19.04 5.28 -5.50
CA LEU A 245 -20.28 5.82 -5.00
C LEU A 245 -20.84 4.95 -3.87
N ALA A 246 -20.91 5.53 -2.67
CA ALA A 246 -21.55 4.92 -1.52
C ALA A 246 -22.94 5.52 -1.40
N THR A 247 -23.95 4.79 -1.89
CA THR A 247 -25.33 5.26 -1.81
C THR A 247 -25.90 5.15 -0.40
N ASN A 248 -25.29 4.29 0.44
CA ASN A 248 -25.80 4.00 1.79
C ASN A 248 -24.68 3.57 2.71
N GLU A 249 -23.65 4.41 2.81
CA GLU A 249 -22.53 4.24 3.73
C GLU A 249 -21.73 2.95 3.51
N GLN A 250 -21.68 2.43 2.26
CA GLN A 250 -20.89 1.25 1.98
C GLN A 250 -19.38 1.63 2.05
N PRO A 251 -18.56 0.81 2.71
CA PRO A 251 -17.13 1.17 2.89
C PRO A 251 -16.26 0.75 1.70
N TYR A 252 -16.67 1.15 0.49
CA TYR A 252 -15.92 0.72 -0.70
C TYR A 252 -14.46 1.15 -0.77
N THR A 253 -14.06 2.26 -0.10
CA THR A 253 -12.65 2.65 -0.16
C THR A 253 -11.80 1.85 0.80
N ASN A 254 -12.48 1.08 1.71
CA ASN A 254 -11.78 0.36 2.78
C ASN A 254 -11.32 -1.02 2.29
N SER A 255 -10.59 -1.01 1.18
CA SER A 255 -10.08 -2.23 0.54
C SER A 255 -8.64 -2.50 0.91
N LEU A 256 -8.20 -3.75 0.62
CA LEU A 256 -6.81 -4.15 0.80
C LEU A 256 -6.17 -4.46 -0.54
N ILE A 257 -5.08 -3.80 -0.90
CA ILE A 257 -4.27 -4.17 -2.06
C ILE A 257 -3.20 -5.13 -1.55
N LEU A 258 -3.18 -6.38 -2.02
CA LEU A 258 -2.18 -7.34 -1.58
C LEU A 258 -1.56 -7.94 -2.82
N ASN A 259 -0.36 -7.45 -3.18
CA ASN A 259 0.29 -7.88 -4.42
C ASN A 259 -0.67 -7.61 -5.62
N ASN A 260 -1.06 -8.63 -6.38
CA ASN A 260 -1.88 -8.41 -7.58
C ASN A 260 -3.38 -8.56 -7.33
N ARG A 261 -3.80 -8.66 -6.04
CA ARG A 261 -5.21 -8.86 -5.70
C ARG A 261 -5.70 -7.70 -4.88
N VAL A 262 -6.97 -7.30 -5.10
CA VAL A 262 -7.60 -6.20 -4.38
C VAL A 262 -8.87 -6.74 -3.75
N PHE A 263 -8.94 -6.71 -2.42
CA PHE A 263 -10.07 -7.24 -1.66
C PHE A 263 -10.93 -6.07 -1.22
N VAL A 264 -12.14 -6.01 -1.77
CA VAL A 264 -13.04 -4.88 -1.56
C VAL A 264 -14.23 -5.32 -0.72
N PRO A 265 -14.50 -4.70 0.45
CA PRO A 265 -15.68 -5.11 1.23
C PRO A 265 -16.96 -4.66 0.51
N VAL A 266 -17.94 -5.55 0.44
CA VAL A 266 -19.20 -5.22 -0.23
C VAL A 266 -20.36 -5.52 0.72
N ASN A 267 -21.35 -4.61 0.73
CA ASN A 267 -22.51 -4.65 1.62
C ASN A 267 -23.83 -4.58 0.87
N GLY A 268 -23.76 -4.38 -0.44
CA GLY A 268 -24.97 -4.25 -1.24
C GLY A 268 -25.51 -2.83 -1.30
N PRO A 269 -26.52 -2.56 -2.14
CA PRO A 269 -27.16 -3.50 -3.06
C PRO A 269 -26.18 -3.99 -4.14
N ALA A 270 -26.54 -5.12 -4.78
CA ALA A 270 -25.68 -5.73 -5.77
C ALA A 270 -25.31 -4.81 -6.93
N SER A 271 -26.22 -3.96 -7.41
CA SER A 271 -25.86 -3.09 -8.55
C SER A 271 -24.84 -2.06 -8.14
N VAL A 272 -24.95 -1.55 -6.89
CA VAL A 272 -24.03 -0.54 -6.38
C VAL A 272 -22.65 -1.16 -6.09
N ASP A 273 -22.63 -2.44 -5.65
CA ASP A 273 -21.38 -3.17 -5.46
C ASP A 273 -20.71 -3.36 -6.80
N ASN A 274 -21.48 -3.81 -7.83
CA ASN A 274 -20.89 -4.03 -9.15
C ASN A 274 -20.30 -2.73 -9.70
N ASP A 275 -21.01 -1.60 -9.51
CA ASP A 275 -20.47 -0.33 -9.99
C ASP A 275 -19.13 -0.02 -9.33
N ALA A 276 -19.05 -0.21 -7.99
CA ALA A 276 -17.80 0.06 -7.26
C ALA A 276 -16.69 -0.86 -7.72
N LEU A 277 -16.98 -2.18 -7.90
CA LEU A 277 -15.92 -3.08 -8.35
C LEU A 277 -15.45 -2.71 -9.73
N ASN A 278 -16.37 -2.24 -10.61
CA ASN A 278 -15.96 -1.84 -11.98
C ASN A 278 -15.08 -0.59 -11.95
N VAL A 279 -15.23 0.31 -10.95
CA VAL A 279 -14.29 1.42 -10.81
C VAL A 279 -12.90 0.86 -10.48
N TYR A 280 -12.80 -0.07 -9.48
CA TYR A 280 -11.48 -0.62 -9.16
C TYR A 280 -10.88 -1.33 -10.37
N LYS A 281 -11.71 -2.12 -11.11
CA LYS A 281 -11.16 -2.87 -12.25
C LYS A 281 -10.66 -1.90 -13.31
N THR A 282 -11.40 -0.79 -13.54
CA THR A 282 -10.95 0.20 -14.52
C THR A 282 -9.65 0.86 -14.06
N ALA A 283 -9.59 1.20 -12.77
CA ALA A 283 -8.43 1.89 -12.25
C ALA A 283 -7.19 1.02 -12.23
N MET A 284 -7.34 -0.30 -12.07
CA MET A 284 -6.21 -1.18 -11.80
C MET A 284 -6.15 -2.35 -12.80
N PRO A 285 -5.83 -2.05 -14.06
CA PRO A 285 -5.75 -3.14 -15.05
C PRO A 285 -4.78 -4.23 -14.65
N GLY A 286 -5.20 -5.46 -14.88
CA GLY A 286 -4.36 -6.62 -14.58
C GLY A 286 -4.54 -7.18 -13.20
N TYR A 287 -5.08 -6.36 -12.29
CA TYR A 287 -5.31 -6.86 -10.95
C TYR A 287 -6.56 -7.72 -10.88
N GLU A 288 -6.63 -8.60 -9.87
CA GLU A 288 -7.81 -9.42 -9.62
C GLU A 288 -8.61 -8.71 -8.55
N ILE A 289 -9.80 -8.20 -8.91
CA ILE A 289 -10.67 -7.47 -7.98
C ILE A 289 -11.68 -8.43 -7.42
N ILE A 290 -11.70 -8.54 -6.06
CA ILE A 290 -12.55 -9.48 -5.36
C ILE A 290 -13.44 -8.77 -4.40
N GLY A 291 -14.75 -8.87 -4.59
CA GLY A 291 -15.74 -8.36 -3.64
C GLY A 291 -15.83 -9.37 -2.50
N VAL A 292 -15.77 -8.90 -1.25
CA VAL A 292 -15.79 -9.77 -0.08
C VAL A 292 -16.96 -9.43 0.82
N LYS A 293 -17.86 -10.39 0.98
CA LYS A 293 -19.00 -10.25 1.87
CA LYS A 293 -19.00 -10.21 1.87
C LYS A 293 -18.50 -10.31 3.32
N GLY A 294 -19.16 -9.58 4.21
CA GLY A 294 -18.75 -9.62 5.61
C GLY A 294 -19.21 -10.85 6.38
N ALA A 295 -18.53 -11.10 7.50
CA ALA A 295 -18.90 -12.14 8.46
C ALA A 295 -20.16 -11.64 9.19
N SER A 296 -21.18 -12.49 9.39
CA SER A 296 -22.43 -12.08 10.05
C SER A 296 -22.24 -11.53 11.48
N GLY A 297 -21.33 -12.11 12.24
CA GLY A 297 -21.06 -11.72 13.62
C GLY A 297 -20.24 -10.46 13.77
N THR A 298 -19.37 -10.17 12.78
CA THR A 298 -18.50 -8.98 12.78
C THR A 298 -18.63 -8.32 11.39
N PRO A 299 -19.82 -7.77 11.05
CA PRO A 299 -20.02 -7.26 9.70
C PRO A 299 -19.18 -6.05 9.37
N TRP A 300 -19.10 -5.74 8.05
CA TRP A 300 -18.43 -4.52 7.66
C TRP A 300 -19.28 -3.34 8.06
N LEU A 301 -18.66 -2.27 8.51
CA LEU A 301 -19.34 -1.02 8.84
C LEU A 301 -18.81 0.08 7.94
N GLY A 302 -19.59 1.15 7.80
CA GLY A 302 -19.17 2.26 6.97
C GLY A 302 -17.82 2.85 7.36
N THR A 303 -17.50 2.85 8.67
CA THR A 303 -16.27 3.41 9.20
C THR A 303 -15.25 2.33 9.59
N ASP A 304 -15.55 1.06 9.32
CA ASP A 304 -14.68 -0.02 9.80
C ASP A 304 -14.94 -1.26 8.97
N ALA A 305 -14.05 -1.53 8.01
CA ALA A 305 -14.24 -2.71 7.19
C ALA A 305 -12.93 -3.47 6.92
N LEU A 306 -12.75 -4.02 5.70
CA LEU A 306 -11.67 -4.95 5.45
C LEU A 306 -10.28 -4.34 5.63
N HIS A 307 -10.06 -3.14 5.10
CA HIS A 307 -8.73 -2.53 5.27
C HIS A 307 -8.40 -2.32 6.77
N5 4GJ A 308 -11.42 1.05 14.37
C1 4GJ A 308 -9.52 1.15 12.91
C2 4GJ A 308 -10.32 1.33 11.79
C3 4GJ A 308 -11.71 1.34 12.01
C4 4GJ A 308 -12.24 1.19 13.30
C6 4GJ A 308 -10.07 1.04 14.19
S2 4GJ A 308 -9.57 1.50 10.23
N 4GJ A 308 -9.42 -2.03 7.58
CA 4GJ A 308 -9.24 -1.81 9.02
C 4GJ A 308 -8.79 -3.04 9.78
O 4GJ A 308 -8.27 -2.93 10.90
CB 4GJ A 308 -10.54 -1.30 9.62
SG 4GJ A 308 -10.99 0.36 9.06
N ARG A 309 -9.09 -4.23 9.23
CA ARG A 309 -8.87 -5.47 9.97
C ARG A 309 -7.79 -6.34 9.31
N THR A 310 -6.92 -5.71 8.49
CA THR A 310 -5.79 -6.40 7.85
C THR A 310 -4.62 -5.43 7.86
N HIS A 311 -3.40 -5.97 7.74
CA HIS A 311 -2.25 -5.11 7.47
C HIS A 311 -1.26 -5.90 6.62
N GLU A 312 -0.91 -5.35 5.47
CA GLU A 312 0.09 -5.95 4.61
C GLU A 312 1.45 -5.90 5.31
N VAL A 313 2.32 -6.88 5.05
CA VAL A 313 3.64 -6.98 5.66
C VAL A 313 4.66 -6.92 4.51
N ALA A 314 5.58 -5.97 4.60
CA ALA A 314 6.61 -5.83 3.57
C ALA A 314 7.55 -7.00 3.60
N ASP A 315 8.32 -7.14 2.51
CA ASP A 315 9.30 -8.18 2.37
C ASP A 315 10.61 -7.70 2.96
N LYS A 316 11.10 -8.37 4.03
CA LYS A 316 12.37 -7.96 4.63
C LYS A 316 13.54 -8.06 3.62
N GLY A 317 13.41 -8.92 2.63
CA GLY A 317 14.46 -9.04 1.61
C GLY A 317 14.09 -8.44 0.28
N TYR A 318 13.19 -7.46 0.33
CA TYR A 318 12.64 -6.76 -0.85
C TYR A 318 13.66 -6.45 -1.93
N LEU A 319 13.34 -6.85 -3.17
CA LEU A 319 14.09 -6.46 -4.36
C LEU A 319 13.35 -5.26 -4.89
N TYR A 320 13.85 -4.07 -4.58
CA TYR A 320 13.16 -2.84 -4.83
C TYR A 320 13.65 -2.11 -6.08
N ILE A 321 12.68 -1.81 -6.97
CA ILE A 321 12.89 -1.02 -8.17
C ILE A 321 12.30 0.33 -7.97
N LYS A 322 13.17 1.35 -7.97
CA LYS A 322 12.75 2.76 -7.90
C LYS A 322 12.77 3.31 -9.32
N HIS A 323 11.62 3.77 -9.84
CA HIS A 323 11.57 4.28 -11.20
C HIS A 323 10.51 5.33 -11.32
N TYR A 324 10.84 6.42 -11.99
CA TYR A 324 9.87 7.44 -12.41
C TYR A 324 9.68 7.23 -13.89
N PRO A 325 8.46 6.96 -14.33
CA PRO A 325 8.29 6.61 -15.73
C PRO A 325 8.24 7.78 -16.68
N ILE A 326 8.50 7.47 -17.94
CA ILE A 326 8.35 8.48 -18.99
C ILE A 326 6.96 8.16 -19.63
N LEU A 327 6.07 9.16 -19.63
CA LEU A 327 4.66 8.98 -19.94
C LEU A 327 4.10 9.94 -20.94
N GLY A 328 3.13 9.43 -21.71
CA GLY A 328 2.33 10.18 -22.68
C GLY A 328 3.15 10.91 -23.70
N GLU A 329 2.78 12.18 -23.90
CA GLU A 329 3.42 13.10 -24.81
C GLU A 329 4.42 13.97 -24.04
N GLN A 330 4.66 13.64 -22.75
CA GLN A 330 5.56 14.37 -21.84
C GLN A 330 6.76 13.48 -21.42
N ALA A 331 7.13 12.55 -22.30
CA ALA A 331 8.22 11.59 -22.10
C ALA A 331 9.55 12.11 -22.60
N GLY A 332 9.53 13.06 -23.52
CA GLY A 332 10.72 13.65 -24.12
C GLY A 332 11.13 14.98 -23.51
N PRO A 333 12.10 15.69 -24.13
CA PRO A 333 12.83 15.37 -25.39
C PRO A 333 13.84 14.23 -25.23
N ASP A 334 14.22 13.90 -23.99
CA ASP A 334 15.15 12.83 -23.65
C ASP A 334 14.38 11.57 -23.25
N TYR A 335 14.34 10.58 -24.14
CA TYR A 335 13.63 9.30 -23.96
C TYR A 335 14.57 8.24 -23.33
N LYS A 336 15.13 8.61 -22.21
CA LYS A 336 16.02 7.78 -21.43
C LYS A 336 15.31 7.43 -20.14
N ILE A 337 15.36 6.16 -19.78
CA ILE A 337 14.76 5.73 -18.52
C ILE A 337 15.86 5.37 -17.57
N GLU A 338 15.58 5.53 -16.28
CA GLU A 338 16.53 5.21 -15.21
C GLU A 338 15.78 4.43 -14.15
N ALA A 339 16.42 3.42 -13.58
CA ALA A 339 15.83 2.66 -12.48
C ALA A 339 16.92 2.35 -11.49
N ASP A 340 16.68 2.61 -10.21
CA ASP A 340 17.60 2.25 -9.15
C ASP A 340 17.07 0.96 -8.56
N VAL A 341 17.91 -0.06 -8.52
CA VAL A 341 17.48 -1.37 -8.04
C VAL A 341 18.38 -1.77 -6.89
N VAL A 342 17.78 -2.13 -5.74
CA VAL A 342 18.55 -2.55 -4.56
CA VAL A 342 18.55 -2.53 -4.57
C VAL A 342 17.96 -3.83 -4.01
N SER A 343 18.82 -4.70 -3.46
CA SER A 343 18.37 -5.94 -2.88
C SER A 343 18.48 -5.82 -1.39
N CYS A 344 17.33 -5.87 -0.66
CA CYS A 344 17.36 -5.83 0.80
C CYS A 344 17.74 -7.20 1.38
N ALA A 345 17.84 -8.22 0.52
CA ALA A 345 18.30 -9.53 0.91
C ALA A 345 19.83 -9.58 0.80
N ASN A 346 20.47 -8.48 0.33
CA ASN A 346 21.93 -8.41 0.07
C ASN A 346 22.31 -9.50 -0.92
N ALA A 347 21.40 -9.71 -1.89
CA ALA A 347 21.56 -10.70 -2.92
C ALA A 347 22.21 -10.06 -4.14
N THR A 348 22.79 -10.89 -5.02
CA THR A 348 23.39 -10.43 -6.26
C THR A 348 22.27 -10.17 -7.28
N ILE A 349 22.16 -8.95 -7.81
CA ILE A 349 21.11 -8.62 -8.75
C ILE A 349 21.56 -8.94 -10.18
N SER A 350 20.72 -9.70 -10.91
CA SER A 350 20.98 -10.06 -12.30
C SER A 350 19.83 -10.91 -12.82
N PRO A 351 19.23 -10.54 -13.96
CA PRO A 351 19.50 -9.36 -14.78
C PRO A 351 18.60 -8.16 -14.41
N VAL A 352 18.90 -6.97 -14.96
CA VAL A 352 18.01 -5.77 -14.87
C VAL A 352 17.69 -5.40 -16.30
N GLN A 353 16.42 -5.57 -16.67
CA GLN A 353 16.00 -5.41 -18.03
C GLN A 353 14.87 -4.44 -18.23
N CYS A 354 14.85 -3.88 -19.42
CA CYS A 354 13.74 -3.10 -19.92
C CYS A 354 13.05 -3.96 -20.93
N TYR A 355 11.78 -4.27 -20.68
CA TYR A 355 10.94 -5.02 -21.61
C TYR A 355 10.13 -3.99 -22.32
N TYR A 356 10.18 -3.98 -23.64
CA TYR A 356 9.46 -2.94 -24.35
C TYR A 356 8.86 -3.47 -25.64
N ARG A 357 7.92 -2.70 -26.18
CA ARG A 357 7.25 -3.04 -27.41
C ARG A 357 6.85 -1.76 -28.15
N ILE A 358 7.04 -1.75 -29.47
CA ILE A 358 6.71 -0.60 -30.32
C ILE A 358 5.41 -0.86 -31.09
N ASN A 359 4.50 0.13 -31.06
CA ASN A 359 3.21 0.12 -31.78
C ASN A 359 2.34 -1.15 -31.51
N GLY A 360 2.46 -1.71 -30.32
CA GLY A 360 1.69 -2.89 -29.87
C GLY A 360 1.92 -4.15 -30.66
N SER A 361 3.03 -4.21 -31.44
CA SER A 361 3.27 -5.31 -32.37
C SER A 361 4.33 -6.31 -31.87
N GLY A 362 3.97 -7.59 -31.91
CA GLY A 362 4.85 -8.69 -31.48
C GLY A 362 4.99 -8.86 -29.99
N SER A 363 5.96 -9.68 -29.55
CA SER A 363 6.20 -9.90 -28.13
C SER A 363 7.07 -8.77 -27.57
N PHE A 364 7.09 -8.65 -26.26
CA PHE A 364 7.95 -7.68 -25.60
C PHE A 364 9.40 -8.13 -25.78
N LYS A 365 10.25 -7.17 -26.08
CA LYS A 365 11.68 -7.41 -26.28
CA LYS A 365 11.68 -7.38 -26.28
C LYS A 365 12.42 -7.01 -25.01
N ALA A 366 13.38 -7.82 -24.60
CA ALA A 366 14.15 -7.55 -23.41
C ALA A 366 15.50 -6.95 -23.76
N ALA A 367 15.84 -5.86 -23.08
CA ALA A 367 17.12 -5.21 -23.26
C ALA A 367 17.76 -5.03 -21.91
N ASP A 368 19.02 -5.40 -21.79
CA ASP A 368 19.71 -5.21 -20.53
C ASP A 368 19.92 -3.73 -20.32
N MET A 369 19.60 -3.26 -19.12
CA MET A 369 19.84 -1.87 -18.79
C MET A 369 21.31 -1.73 -18.43
N THR A 370 21.90 -0.57 -18.70
CA THR A 370 23.31 -0.36 -18.40
C THR A 370 23.46 0.10 -16.96
N MET A 371 24.33 -0.57 -16.19
CA MET A 371 24.55 -0.13 -14.82
C MET A 371 25.61 0.96 -14.84
N GLU A 372 25.18 2.22 -14.87
CA GLU A 372 26.11 3.33 -15.01
C GLU A 372 26.94 3.55 -13.72
N SER A 373 26.32 3.28 -12.55
CA SER A 373 26.94 3.28 -11.22
C SER A 373 26.20 2.24 -10.41
N THR A 374 26.77 1.80 -9.28
CA THR A 374 26.14 0.74 -8.47
C THR A 374 24.67 1.07 -8.16
N GLY A 375 23.82 0.12 -8.48
CA GLY A 375 22.39 0.22 -8.22
C GLY A 375 21.64 1.15 -9.13
N HIS A 376 22.31 1.79 -10.13
CA HIS A 376 21.67 2.76 -11.04
C HIS A 376 21.76 2.26 -12.48
N TYR A 377 20.59 1.94 -13.06
CA TYR A 377 20.48 1.31 -14.35
C TYR A 377 19.77 2.22 -15.31
N THR A 378 20.26 2.29 -16.55
CA THR A 378 19.61 3.16 -17.54
C THR A 378 19.35 2.45 -18.85
N TYR A 379 18.45 3.02 -19.67
CA TYR A 379 18.17 2.53 -21.00
C TYR A 379 17.67 3.68 -21.85
N SER A 380 18.20 3.82 -23.08
CA SER A 380 17.73 4.89 -23.95
C SER A 380 16.99 4.28 -25.10
N PHE A 381 15.76 4.79 -25.36
CA PHE A 381 14.99 4.36 -26.50
C PHE A 381 15.59 5.11 -27.68
N THR A 382 16.12 4.35 -28.63
CA THR A 382 16.75 4.90 -29.84
C THR A 382 16.09 4.30 -31.07
N GLY A 383 16.33 4.91 -32.22
CA GLY A 383 15.80 4.42 -33.48
C GLY A 383 14.30 4.38 -33.58
N LEU A 384 13.63 5.29 -32.86
CA LEU A 384 12.18 5.35 -32.96
C LEU A 384 11.80 6.48 -33.91
N ASN A 385 10.54 6.46 -34.36
CA ASN A 385 10.04 7.43 -35.34
C ASN A 385 8.91 8.23 -34.74
N LYS A 386 8.71 9.47 -35.24
CA LYS A 386 7.66 10.36 -34.74
C LYS A 386 6.30 9.66 -34.75
N ASN A 387 5.57 9.79 -33.61
CA ASN A 387 4.26 9.22 -33.35
C ASN A 387 4.31 7.71 -33.08
N ASP A 388 5.54 7.08 -32.98
CA ASP A 388 5.62 5.67 -32.56
C ASP A 388 5.11 5.60 -31.14
N LYS A 389 4.48 4.48 -30.79
CA LYS A 389 3.91 4.31 -29.47
C LYS A 389 4.74 3.27 -28.75
N VAL A 390 5.15 3.54 -27.51
CA VAL A 390 5.99 2.61 -26.79
C VAL A 390 5.26 2.10 -25.56
N GLU A 391 5.41 0.81 -25.25
CA GLU A 391 5.02 0.19 -23.99
C GLU A 391 6.26 -0.32 -23.35
N TYR A 392 6.45 -0.11 -22.04
CA TYR A 392 7.62 -0.71 -21.46
C TYR A 392 7.41 -0.97 -19.98
N TYR A 393 8.26 -1.84 -19.43
CA TYR A 393 8.28 -2.06 -18.00
C TYR A 393 9.69 -2.51 -17.60
N ILE A 394 10.01 -2.41 -16.31
CA ILE A 394 11.31 -2.80 -15.77
C ILE A 394 11.18 -4.17 -15.14
N SER A 395 12.21 -5.01 -15.31
CA SER A 395 12.22 -6.34 -14.69
C SER A 395 13.55 -6.57 -14.02
N ALA A 396 13.53 -7.12 -12.82
CA ALA A 396 14.79 -7.43 -12.11
C ALA A 396 14.66 -8.74 -11.40
N ALA A 397 15.80 -9.39 -11.18
CA ALA A 397 15.85 -10.65 -10.44
C ALA A 397 17.11 -10.71 -9.62
N ASP A 398 17.12 -11.53 -8.55
CA ASP A 398 18.35 -11.66 -7.77
C ASP A 398 18.58 -13.11 -7.37
N ASN A 399 19.74 -13.40 -6.76
CA ASN A 399 20.05 -14.80 -6.47
C ASN A 399 19.41 -15.32 -5.15
N SER A 400 18.44 -14.54 -4.57
CA SER A 400 17.63 -15.05 -3.46
C SER A 400 16.36 -15.70 -4.06
N GLY A 401 16.22 -15.58 -5.37
CA GLY A 401 15.06 -16.13 -6.08
C GLY A 401 13.96 -15.11 -6.29
N ARG A 402 14.16 -13.85 -5.85
CA ARG A 402 13.16 -12.80 -6.03
C ARG A 402 13.14 -12.33 -7.47
N LYS A 403 11.95 -11.98 -7.93
CA LYS A 403 11.69 -11.47 -9.28
C LYS A 403 10.70 -10.37 -9.14
N GLU A 404 11.00 -9.18 -9.66
CA GLU A 404 10.10 -8.04 -9.53
C GLU A 404 10.01 -7.27 -10.81
N THR A 405 8.85 -6.62 -11.02
CA THR A 405 8.72 -5.67 -12.12
C THR A 405 8.28 -4.33 -11.59
N TYR A 406 8.54 -3.29 -12.40
CA TYR A 406 7.93 -1.97 -12.18
C TYR A 406 7.25 -1.59 -13.51
N PRO A 407 5.91 -1.45 -13.55
CA PRO A 407 5.03 -1.46 -12.37
C PRO A 407 4.90 -2.86 -11.79
N PHE A 408 4.44 -2.93 -10.53
CA PHE A 408 4.33 -4.21 -9.84
C PHE A 408 3.64 -5.28 -10.69
N ILE A 409 2.53 -4.92 -11.36
CA ILE A 409 1.73 -5.90 -12.09
C ILE A 409 2.46 -6.35 -13.36
N GLY A 410 3.38 -5.53 -13.87
CA GLY A 410 4.20 -5.94 -15.00
C GLY A 410 3.56 -5.79 -16.35
N GLU A 411 3.83 -6.81 -17.21
CA GLU A 411 3.42 -6.86 -18.62
CA GLU A 411 3.43 -6.89 -18.61
C GLU A 411 1.92 -6.60 -18.81
N PRO A 412 1.00 -7.02 -17.90
CA PRO A 412 -0.43 -6.71 -18.12
C PRO A 412 -0.71 -5.20 -18.16
N ASP A 413 0.12 -4.31 -17.54
CA ASP A 413 -0.19 -2.87 -17.57
C ASP A 413 1.11 -2.06 -17.63
N PRO A 414 1.81 -2.09 -18.75
CA PRO A 414 3.10 -1.39 -18.83
C PRO A 414 2.96 0.13 -18.96
N PHE A 415 4.06 0.85 -18.77
CA PHE A 415 4.04 2.28 -18.99
C PHE A 415 3.94 2.59 -20.47
N LYS A 416 3.26 3.69 -20.82
CA LYS A 416 3.05 4.03 -22.22
C LYS A 416 3.47 5.45 -22.53
N PHE A 417 4.12 5.64 -23.65
CA PHE A 417 4.45 6.99 -24.10
C PHE A 417 4.47 7.03 -25.61
N THR A 418 4.34 8.25 -26.15
CA THR A 418 4.35 8.54 -27.59
C THR A 418 5.59 9.34 -27.91
N5 4GJ A 419 13.91 9.20 -31.10
C1 4GJ A 419 13.02 8.14 -29.17
C2 4GJ A 419 11.74 8.50 -29.57
C3 4GJ A 419 11.56 9.20 -30.77
C4 4GJ A 419 12.68 9.54 -31.54
C6 4GJ A 419 14.11 8.50 -29.95
S2 4GJ A 419 10.39 8.06 -28.60
N 4GJ A 419 6.23 8.96 -29.03
CA 4GJ A 419 7.39 9.68 -29.55
C 4GJ A 419 6.91 10.96 -30.18
O 4GJ A 419 6.17 10.94 -31.17
CB 4GJ A 419 8.13 8.80 -30.55
SG 4GJ A 419 8.87 7.35 -29.81
N MET A 420 7.30 12.09 -29.58
CA MET A 420 6.89 13.41 -30.02
C MET A 420 8.05 14.17 -30.66
N ASN A 421 9.27 13.60 -30.57
CA ASN A 421 10.48 14.19 -31.16
C ASN A 421 10.83 13.50 -32.48
NA NA B . 2.54 1.48 19.50
C1 GOL C . -5.41 21.23 7.60
O1 GOL C . -4.97 19.99 8.16
C2 GOL C . -4.46 22.34 8.00
O2 GOL C . -4.07 22.14 9.37
C3 GOL C . -3.27 22.29 7.07
O3 GOL C . -2.25 23.19 7.43
C1 GOL D . -7.32 19.74 1.39
O1 GOL D . -6.88 19.87 2.75
C2 GOL D . -8.78 20.13 1.29
O2 GOL D . -8.91 21.53 1.49
C3 GOL D . -9.36 19.75 -0.05
O3 GOL D . -10.74 20.11 -0.16
C1 GOL E . 2.92 12.45 21.29
O1 GOL E . 1.87 12.49 22.24
C2 GOL E . 3.28 13.82 20.78
O2 GOL E . 2.12 14.45 20.23
C3 GOL E . 3.87 14.73 21.84
O3 GOL E . 5.14 14.22 22.25
C1 GOL F . 16.41 3.59 1.72
O1 GOL F . 17.58 4.40 1.82
C2 GOL F . 15.37 4.24 0.85
O2 GOL F . 15.54 5.66 0.81
C3 GOL F . 15.42 3.69 -0.56
O3 GOL F . 14.12 3.58 -1.09
C1 GOL G . 0.74 2.02 -16.34
O1 GOL G . -0.12 2.79 -17.17
C2 GOL G . 0.40 2.27 -14.89
O2 GOL G . -1.01 2.05 -14.67
C3 GOL G . 1.20 1.31 -14.03
O3 GOL G . 0.88 1.47 -12.65
C1 GOL H . -11.57 8.37 -13.99
O1 GOL H . -12.46 8.95 -13.05
C2 GOL H . -10.59 9.38 -14.54
O2 GOL H . -9.58 9.67 -13.57
C3 GOL H . -9.96 8.90 -15.82
O3 GOL H . -8.59 8.56 -15.64
C1 GOL I . -14.28 15.29 3.77
O1 GOL I . -14.19 15.04 2.37
C2 GOL I . -13.18 14.57 4.51
O2 GOL I . -11.99 14.54 3.70
C3 GOL I . -12.89 15.33 5.77
O3 GOL I . -11.74 14.81 6.39
#